data_3UTN
#
_entry.id   3UTN
#
_cell.length_a   120.939
_cell.length_b   120.939
_cell.length_c   48.354
_cell.angle_alpha   90.00
_cell.angle_beta   90.00
_cell.angle_gamma   90.00
#
_symmetry.space_group_name_H-M   'I 41'
#
loop_
_entity.id
_entity.type
_entity.pdbx_description
1 polymer 'Thiosulfate sulfurtransferase TUM1'
2 non-polymer 'DIMETHYL SULFOXIDE'
3 non-polymer 'SULFATE ION'
4 water water
#
_entity_poly.entity_id   1
_entity_poly.type   'polypeptide(L)'
_entity_poly.pdbx_seq_one_letter_code
;MGSSHHHHHHSSGLVPRGSHMASMPLFDLISPKAFVKLVASEKVHRIVPVDATWYLPSWKLDNKVDFLTKPRIPNSIFFD
IDAISDKKSPYPHMFPTKKVFDDAMSNLGVQKDDILVVYDRVGNFSSPRCAWTLGVMGHPKVYLLNNFNQYREFKYPLDS
SKVAAFSPYPKSHYESSESFQDKEIVDYEEMFQLVKSGELAKKFNAFDARSLGRFEGTEPEPRSDIPSGHIPGTQPLPYG
SLLDPETKTYPEAGEAIHATLEKALKDFHCTLDPSKPTICSCGTGVSGVIIKTALELAGVPNVRLYDGSWTEWVLKSGPE
WIAENRD
;
_entity_poly.pdbx_strand_id   X
#
# COMPACT_ATOMS: atom_id res chain seq x y z
N MET A 24 -18.14 1.44 -1.44
CA MET A 24 -17.61 0.15 -0.91
C MET A 24 -16.09 0.16 -0.80
N PRO A 25 -15.55 0.56 0.37
CA PRO A 25 -14.10 0.68 0.55
C PRO A 25 -13.40 -0.65 0.38
N LEU A 26 -12.29 -0.66 -0.35
CA LEU A 26 -11.54 -1.89 -0.57
C LEU A 26 -10.96 -2.40 0.73
N PHE A 27 -10.65 -1.47 1.63
CA PHE A 27 -10.32 -1.82 2.98
C PHE A 27 -10.56 -0.61 3.84
N ASP A 28 -10.81 -0.85 5.11
CA ASP A 28 -10.97 0.22 6.06
C ASP A 28 -9.74 0.23 6.91
N LEU A 29 -9.34 1.42 7.33
CA LEU A 29 -8.36 1.50 8.39
C LEU A 29 -9.05 0.95 9.61
N ILE A 30 -8.27 0.36 10.48
CA ILE A 30 -8.79 -0.07 11.75
C ILE A 30 -7.73 0.26 12.77
N SER A 31 -8.16 0.92 13.84
CA SER A 31 -7.26 1.23 14.92
C SER A 31 -7.06 -0.06 15.71
N PRO A 32 -5.99 -0.11 16.51
CA PRO A 32 -5.83 -1.25 17.39
C PRO A 32 -7.05 -1.50 18.26
N LYS A 33 -7.61 -0.44 18.85
CA LYS A 33 -8.77 -0.61 19.72
C LYS A 33 -9.96 -1.16 18.96
N ALA A 34 -10.22 -0.60 17.78
CA ALA A 34 -11.32 -1.07 16.94
C ALA A 34 -11.02 -2.50 16.54
N PHE A 35 -9.75 -2.78 16.30
CA PHE A 35 -9.36 -4.12 15.94
C PHE A 35 -9.67 -5.13 17.05
N VAL A 36 -9.25 -4.85 18.28
CA VAL A 36 -9.51 -5.81 19.34
C VAL A 36 -10.99 -5.89 19.60
N LYS A 37 -11.67 -4.75 19.47
CA LYS A 37 -13.12 -4.73 19.57
C LYS A 37 -13.68 -5.64 18.50
N LEU A 38 -13.20 -5.47 17.28
CA LEU A 38 -13.62 -6.31 16.17
C LEU A 38 -13.37 -7.77 16.50
N VAL A 39 -12.14 -8.09 16.91
CA VAL A 39 -11.79 -9.45 17.26
C VAL A 39 -12.69 -9.97 18.36
N ALA A 40 -12.85 -9.18 19.42
CA ALA A 40 -13.63 -9.61 20.56
C ALA A 40 -15.09 -9.81 20.19
N SER A 41 -15.59 -8.95 19.32
CA SER A 41 -17.01 -8.94 18.99
C SER A 41 -17.33 -9.93 17.89
N GLU A 42 -16.32 -10.37 17.16
CA GLU A 42 -16.55 -11.20 16.00
C GLU A 42 -17.09 -12.57 16.35
N LYS A 43 -18.24 -12.88 15.78
CA LYS A 43 -18.90 -14.16 16.02
C LYS A 43 -19.00 -14.95 14.73
N VAL A 44 -18.96 -14.24 13.61
CA VAL A 44 -19.21 -14.84 12.30
C VAL A 44 -17.94 -15.07 11.51
N HIS A 45 -17.13 -14.02 11.37
CA HIS A 45 -15.98 -14.04 10.48
C HIS A 45 -14.70 -14.32 11.18
N ARG A 46 -13.89 -15.17 10.60
CA ARG A 46 -12.54 -15.35 11.10
C ARG A 46 -11.81 -14.02 10.90
N ILE A 47 -11.05 -13.62 11.91
CA ILE A 47 -10.25 -12.41 11.75
C ILE A 47 -8.81 -12.83 11.63
N VAL A 48 -8.27 -12.54 10.46
CA VAL A 48 -6.94 -12.97 10.15
C VAL A 48 -6.14 -11.70 10.00
N PRO A 49 -5.36 -11.37 11.03
CA PRO A 49 -4.44 -10.28 10.87
C PRO A 49 -3.46 -10.70 9.82
N VAL A 50 -3.01 -9.74 9.03
CA VAL A 50 -2.16 -10.04 7.93
C VAL A 50 -0.97 -9.17 8.13
N ASP A 51 0.14 -9.78 8.49
CA ASP A 51 1.38 -9.09 8.56
C ASP A 51 1.91 -8.98 7.15
N ALA A 52 1.92 -7.77 6.63
CA ALA A 52 2.38 -7.50 5.29
C ALA A 52 3.74 -6.84 5.36
N THR A 53 4.40 -7.03 6.49
CA THR A 53 5.66 -6.39 6.72
C THR A 53 6.57 -6.67 5.56
N TRP A 54 7.12 -5.59 5.05
CA TRP A 54 8.06 -5.68 3.99
C TRP A 54 9.01 -4.57 4.28
N TYR A 55 10.29 -4.86 4.11
CA TYR A 55 11.31 -3.90 4.46
C TYR A 55 12.08 -3.50 3.24
N LEU A 56 12.56 -2.26 3.24
CA LEU A 56 13.57 -1.89 2.27
C LEU A 56 14.75 -2.76 2.55
N PRO A 57 15.27 -3.45 1.51
CA PRO A 57 16.48 -4.26 1.66
C PRO A 57 17.59 -3.48 2.34
N SER A 58 17.65 -2.17 2.11
CA SER A 58 18.63 -1.31 2.76
C SER A 58 18.59 -1.43 4.29
N TRP A 59 17.41 -1.75 4.84
CA TRP A 59 17.26 -1.86 6.29
C TRP A 59 17.87 -3.10 6.87
N LYS A 60 18.21 -4.06 6.01
CA LYS A 60 18.77 -5.34 6.44
C LYS A 60 17.91 -5.98 7.50
N LEU A 61 16.61 -5.91 7.27
CA LEU A 61 15.68 -6.58 8.13
C LEU A 61 15.09 -7.73 7.34
N ASP A 62 14.50 -8.67 8.05
CA ASP A 62 13.94 -9.82 7.40
C ASP A 62 12.50 -9.84 7.81
N ASN A 63 11.63 -9.46 6.88
CA ASN A 63 10.20 -9.38 7.16
C ASN A 63 9.65 -10.75 7.52
N LYS A 64 10.16 -11.77 6.85
CA LYS A 64 9.72 -13.14 7.07
C LYS A 64 10.15 -13.60 8.45
N VAL A 65 11.42 -13.38 8.80
CA VAL A 65 11.91 -13.72 10.12
C VAL A 65 11.17 -12.90 11.16
N ASP A 66 10.94 -11.62 10.86
CA ASP A 66 10.22 -10.76 11.77
C ASP A 66 8.82 -11.24 11.99
N PHE A 67 8.19 -11.72 10.93
CA PHE A 67 6.87 -12.27 11.12
C PHE A 67 6.93 -13.48 12.05
N LEU A 68 7.89 -14.35 11.77
CA LEU A 68 7.97 -15.63 12.41
C LEU A 68 8.41 -15.52 13.85
N THR A 69 9.24 -14.54 14.13
CA THR A 69 9.97 -14.53 15.39
C THR A 69 9.71 -13.30 16.20
N LYS A 70 9.09 -12.29 15.60
CA LYS A 70 8.73 -11.11 16.34
C LYS A 70 7.24 -11.10 16.58
N PRO A 71 6.81 -10.45 17.66
CA PRO A 71 5.41 -10.57 18.02
C PRO A 71 4.52 -10.16 16.86
N ARG A 72 3.46 -10.92 16.66
CA ARG A 72 2.52 -10.59 15.63
C ARG A 72 1.19 -10.41 16.31
N ILE A 73 0.25 -9.85 15.59
CA ILE A 73 -1.11 -9.88 16.08
C ILE A 73 -1.50 -11.35 16.03
N PRO A 74 -2.12 -11.85 17.11
CA PRO A 74 -2.50 -13.25 17.15
C PRO A 74 -3.16 -13.68 15.85
N ASN A 75 -2.89 -14.92 15.42
CA ASN A 75 -3.58 -15.51 14.28
C ASN A 75 -3.19 -14.86 12.97
N SER A 76 -2.10 -14.12 13.00
CA SER A 76 -1.62 -13.44 11.81
CA SER A 76 -1.64 -13.44 11.81
C SER A 76 -1.18 -14.42 10.76
N ILE A 77 -1.39 -14.05 9.52
CA ILE A 77 -0.70 -14.71 8.45
C ILE A 77 0.31 -13.68 8.03
N PHE A 78 1.32 -14.15 7.34
CA PHE A 78 2.25 -13.25 6.76
C PHE A 78 1.87 -13.10 5.31
N PHE A 79 1.75 -11.86 4.88
CA PHE A 79 1.47 -11.57 3.49
C PHE A 79 2.78 -11.14 2.88
N ASP A 80 3.31 -12.00 2.03
CA ASP A 80 4.57 -11.71 1.41
C ASP A 80 4.36 -10.76 0.24
N ILE A 81 4.60 -9.49 0.52
CA ILE A 81 4.48 -8.43 -0.47
C ILE A 81 5.24 -8.78 -1.74
N ASP A 82 6.42 -9.38 -1.57
CA ASP A 82 7.26 -9.74 -2.70
C ASP A 82 6.70 -10.92 -3.48
N ALA A 83 6.32 -11.97 -2.76
CA ALA A 83 5.83 -13.19 -3.40
C ALA A 83 4.45 -12.96 -4.00
N ILE A 84 3.62 -12.19 -3.31
CA ILE A 84 2.27 -11.93 -3.78
C ILE A 84 2.29 -10.66 -4.63
N SER A 85 3.02 -10.77 -5.73
CA SER A 85 3.17 -9.71 -6.66
C SER A 85 3.37 -10.38 -8.00
N ASP A 86 3.41 -9.59 -9.07
CA ASP A 86 3.78 -10.12 -10.35
C ASP A 86 5.30 -10.18 -10.41
N LYS A 87 5.86 -11.28 -9.93
CA LYS A 87 7.31 -11.46 -9.92
C LYS A 87 7.87 -11.63 -11.34
N LYS A 88 6.98 -11.89 -12.29
CA LYS A 88 7.35 -12.03 -13.71
C LYS A 88 7.58 -10.66 -14.36
N SER A 89 6.95 -9.64 -13.79
CA SER A 89 7.12 -8.27 -14.27
CA SER A 89 7.12 -8.27 -14.26
C SER A 89 8.55 -7.80 -14.05
N PRO A 90 9.10 -7.02 -15.01
CA PRO A 90 10.43 -6.47 -14.78
C PRO A 90 10.38 -5.34 -13.76
N TYR A 91 9.17 -4.91 -13.42
CA TYR A 91 8.95 -3.80 -12.52
C TYR A 91 8.65 -4.34 -11.14
N PRO A 92 9.17 -3.66 -10.11
CA PRO A 92 9.00 -4.09 -8.73
C PRO A 92 7.56 -3.98 -8.26
N HIS A 93 7.18 -4.86 -7.34
CA HIS A 93 5.94 -4.77 -6.59
C HIS A 93 4.75 -4.56 -7.46
N MET A 94 4.73 -5.26 -8.59
CA MET A 94 3.62 -5.17 -9.49
C MET A 94 2.51 -6.02 -8.94
N PHE A 95 1.29 -5.50 -9.07
CA PHE A 95 0.14 -6.16 -8.52
C PHE A 95 0.12 -7.61 -8.94
N PRO A 96 -0.18 -8.51 -7.99
CA PRO A 96 -0.16 -9.91 -8.37
C PRO A 96 -1.25 -10.24 -9.36
N THR A 97 -1.02 -11.30 -10.13
CA THR A 97 -2.06 -11.88 -10.93
C THR A 97 -3.08 -12.49 -9.99
N LYS A 98 -4.31 -12.61 -10.49
CA LYS A 98 -5.38 -13.30 -9.78
C LYS A 98 -4.88 -14.62 -9.20
N LYS A 99 -4.17 -15.39 -10.02
CA LYS A 99 -3.69 -16.72 -9.63
C LYS A 99 -2.66 -16.65 -8.51
N VAL A 100 -1.62 -15.83 -8.69
CA VAL A 100 -0.62 -15.64 -7.63
C VAL A 100 -1.33 -15.20 -6.36
N PHE A 101 -2.25 -14.26 -6.49
CA PHE A 101 -2.98 -13.80 -5.33
C PHE A 101 -3.79 -14.90 -4.67
N ASP A 102 -4.63 -15.57 -5.46
CA ASP A 102 -5.47 -16.65 -4.94
C ASP A 102 -4.63 -17.75 -4.33
N ASP A 103 -3.56 -18.13 -5.02
CA ASP A 103 -2.66 -19.16 -4.55
C ASP A 103 -2.04 -18.73 -3.23
N ALA A 104 -1.62 -17.48 -3.17
CA ALA A 104 -1.08 -16.93 -1.94
C ALA A 104 -2.11 -17.05 -0.83
N MET A 105 -3.31 -16.53 -1.08
CA MET A 105 -4.38 -16.59 -0.10
C MET A 105 -4.65 -18.03 0.30
N SER A 106 -4.74 -18.90 -0.69
CA SER A 106 -4.94 -20.31 -0.47
C SER A 106 -3.82 -20.87 0.41
N ASN A 107 -2.57 -20.61 0.00
N ASN A 107 -2.58 -20.61 0.02
CA ASN A 107 -1.39 -21.07 0.72
CA ASN A 107 -1.40 -21.09 0.74
C ASN A 107 -1.42 -20.62 2.17
C ASN A 107 -1.33 -20.58 2.17
N LEU A 108 -1.91 -19.39 2.39
CA LEU A 108 -1.97 -18.80 3.72
C LEU A 108 -3.23 -19.24 4.45
N GLY A 109 -4.07 -19.98 3.75
CA GLY A 109 -5.31 -20.46 4.31
C GLY A 109 -6.33 -19.36 4.50
N VAL A 110 -6.16 -18.25 3.79
CA VAL A 110 -7.12 -17.17 3.86
C VAL A 110 -8.42 -17.66 3.23
N GLN A 111 -9.52 -17.47 3.95
CA GLN A 111 -10.83 -17.78 3.40
C GLN A 111 -11.42 -16.48 2.93
N LYS A 112 -12.29 -16.56 1.93
CA LYS A 112 -12.96 -15.37 1.44
C LYS A 112 -13.62 -14.60 2.56
N ASP A 113 -14.18 -15.31 3.53
CA ASP A 113 -14.95 -14.69 4.60
C ASP A 113 -14.08 -14.05 5.66
N ASP A 114 -12.78 -14.31 5.61
CA ASP A 114 -11.87 -13.78 6.61
C ASP A 114 -11.94 -12.28 6.63
N ILE A 115 -12.00 -11.73 7.83
CA ILE A 115 -11.71 -10.33 8.00
C ILE A 115 -10.18 -10.26 8.03
N LEU A 116 -9.61 -9.66 7.00
CA LEU A 116 -8.18 -9.53 6.97
C LEU A 116 -7.82 -8.22 7.57
N VAL A 117 -6.96 -8.25 8.55
CA VAL A 117 -6.53 -7.03 9.16
C VAL A 117 -5.06 -6.92 8.89
N VAL A 118 -4.74 -6.03 7.97
CA VAL A 118 -3.40 -5.96 7.48
C VAL A 118 -2.63 -5.01 8.35
N TYR A 119 -1.41 -5.39 8.62
CA TYR A 119 -0.53 -4.50 9.31
C TYR A 119 0.85 -4.79 8.80
N ASP A 120 1.78 -3.96 9.20
CA ASP A 120 3.16 -4.25 8.95
C ASP A 120 3.93 -3.72 10.13
N ARG A 121 5.20 -4.10 10.23
CA ARG A 121 5.99 -3.72 11.38
C ARG A 121 6.56 -2.34 11.23
N VAL A 122 6.52 -1.80 10.03
CA VAL A 122 7.13 -0.51 9.77
C VAL A 122 6.19 0.59 10.20
N GLY A 123 4.94 0.47 9.78
CA GLY A 123 3.94 1.47 10.09
C GLY A 123 3.37 2.00 8.81
N ASN A 124 2.34 1.32 8.31
CA ASN A 124 1.67 1.75 7.09
C ASN A 124 2.64 1.95 5.96
N PHE A 125 3.49 0.97 5.81
CA PHE A 125 4.52 1.02 4.83
C PHE A 125 4.16 0.10 3.69
N SER A 126 4.07 -1.20 3.98
CA SER A 126 3.69 -2.18 2.99
C SER A 126 2.28 -2.67 3.25
N SER A 127 1.82 -2.46 4.47
CA SER A 127 0.49 -2.92 4.83
C SER A 127 -0.59 -2.26 3.97
N PRO A 128 -0.47 -0.96 3.68
CA PRO A 128 -1.50 -0.39 2.84
C PRO A 128 -1.53 -1.07 1.49
N ARG A 129 -0.35 -1.26 0.91
CA ARG A 129 -0.20 -1.98 -0.34
C ARG A 129 -0.91 -3.32 -0.24
N CYS A 130 -0.65 -4.01 0.87
CA CYS A 130 -1.23 -5.30 1.09
C CYS A 130 -2.75 -5.23 1.29
N ALA A 131 -3.19 -4.35 2.19
CA ALA A 131 -4.62 -4.19 2.43
C ALA A 131 -5.30 -3.87 1.11
N TRP A 132 -4.67 -2.98 0.38
CA TRP A 132 -5.17 -2.56 -0.90
C TRP A 132 -5.20 -3.70 -1.86
N THR A 133 -4.12 -4.47 -1.91
CA THR A 133 -4.06 -5.66 -2.78
C THR A 133 -5.19 -6.63 -2.45
N LEU A 134 -5.36 -6.93 -1.17
CA LEU A 134 -6.44 -7.76 -0.71
C LEU A 134 -7.77 -7.19 -1.16
N GLY A 135 -7.96 -5.91 -0.91
CA GLY A 135 -9.16 -5.20 -1.32
C GLY A 135 -9.33 -5.21 -2.82
N VAL A 136 -8.27 -4.88 -3.55
CA VAL A 136 -8.35 -4.84 -5.01
C VAL A 136 -8.72 -6.20 -5.53
N MET A 137 -8.17 -7.23 -4.90
CA MET A 137 -8.46 -8.59 -5.28
C MET A 137 -9.81 -9.04 -4.76
N GLY A 138 -10.60 -8.09 -4.29
CA GLY A 138 -12.00 -8.32 -3.98
C GLY A 138 -12.22 -9.04 -2.68
N HIS A 139 -11.22 -9.06 -1.81
CA HIS A 139 -11.45 -9.67 -0.54
C HIS A 139 -12.45 -8.84 0.20
N PRO A 140 -13.55 -9.47 0.66
CA PRO A 140 -14.71 -8.75 1.15
C PRO A 140 -14.37 -7.84 2.32
N LYS A 141 -13.65 -8.38 3.30
CA LYS A 141 -13.42 -7.65 4.52
C LYS A 141 -11.95 -7.52 4.77
N VAL A 142 -11.46 -6.30 4.57
CA VAL A 142 -10.08 -6.04 4.70
C VAL A 142 -9.93 -4.78 5.51
N TYR A 143 -9.12 -4.89 6.54
CA TYR A 143 -8.79 -3.75 7.32
C TYR A 143 -7.33 -3.55 7.23
N LEU A 144 -6.94 -2.28 7.33
CA LEU A 144 -5.58 -1.95 7.45
C LEU A 144 -5.46 -1.52 8.88
N LEU A 145 -4.74 -2.31 9.65
CA LEU A 145 -4.53 -1.93 11.02
C LEU A 145 -3.76 -0.64 10.99
N ASN A 146 -4.24 0.33 11.75
CA ASN A 146 -3.61 1.61 11.78
C ASN A 146 -3.12 1.97 13.17
N ASN A 147 -1.93 1.54 13.53
CA ASN A 147 -1.15 0.59 12.76
C ASN A 147 -0.52 -0.32 13.77
N PHE A 148 0.31 -1.23 13.30
CA PHE A 148 0.94 -2.17 14.18
C PHE A 148 1.88 -1.50 15.16
N ASN A 149 2.49 -0.39 14.74
CA ASN A 149 3.33 0.40 15.63
C ASN A 149 2.58 0.77 16.88
N GLN A 150 1.40 1.35 16.67
CA GLN A 150 0.58 1.83 17.78
C GLN A 150 0.04 0.65 18.52
N TYR A 151 -0.35 -0.36 17.76
CA TYR A 151 -0.80 -1.62 18.29
C TYR A 151 0.22 -2.14 19.31
N ARG A 152 1.48 -2.16 18.90
CA ARG A 152 2.54 -2.63 19.79
CA ARG A 152 2.55 -2.63 19.78
C ARG A 152 2.81 -1.63 20.89
N GLU A 153 2.91 -0.36 20.52
CA GLU A 153 3.18 0.70 21.50
C GLU A 153 2.21 0.63 22.65
N PHE A 154 0.94 0.43 22.33
CA PHE A 154 -0.09 0.41 23.34
C PHE A 154 -0.43 -1.01 23.78
N LYS A 155 0.49 -1.93 23.48
CA LYS A 155 0.48 -3.27 24.04
C LYS A 155 -0.81 -4.02 23.75
N TYR A 156 -1.31 -3.84 22.54
CA TYR A 156 -2.43 -4.64 22.10
C TYR A 156 -1.98 -6.08 21.95
N PRO A 157 -2.94 -7.03 21.97
CA PRO A 157 -2.57 -8.43 22.09
C PRO A 157 -1.58 -8.83 21.03
N LEU A 158 -0.47 -9.35 21.49
CA LEU A 158 0.54 -9.84 20.60
C LEU A 158 0.67 -11.31 20.81
N ASP A 159 0.77 -12.01 19.69
CA ASP A 159 1.27 -13.35 19.70
C ASP A 159 2.77 -13.18 19.57
N SER A 160 3.46 -13.33 20.70
CA SER A 160 4.91 -13.19 20.72
C SER A 160 5.56 -14.53 20.51
N SER A 161 4.75 -15.54 20.19
CA SER A 161 5.28 -16.86 19.95
C SER A 161 6.05 -16.83 18.65
N LYS A 162 7.14 -17.58 18.62
CA LYS A 162 7.86 -17.76 17.41
C LYS A 162 7.11 -18.83 16.66
N VAL A 163 6.93 -18.61 15.37
CA VAL A 163 6.22 -19.58 14.57
C VAL A 163 7.12 -19.99 13.43
N ALA A 164 6.78 -21.07 12.78
CA ALA A 164 7.57 -21.59 11.68
C ALA A 164 6.66 -21.71 10.48
N ALA A 165 5.65 -20.84 10.45
CA ALA A 165 4.69 -20.82 9.37
C ALA A 165 4.25 -19.39 9.14
N PHE A 166 4.03 -19.05 7.88
CA PHE A 166 3.55 -17.72 7.52
C PHE A 166 2.06 -17.64 7.67
N SER A 167 1.49 -18.77 8.07
CA SER A 167 0.09 -18.84 8.37
C SER A 167 -0.12 -20.00 9.30
N PRO A 168 -0.94 -19.80 10.34
CA PRO A 168 -1.33 -20.87 11.23
C PRO A 168 -2.53 -21.64 10.68
N TYR A 169 -3.03 -21.22 9.53
CA TYR A 169 -4.25 -21.76 8.99
C TYR A 169 -3.94 -22.82 7.98
N PRO A 170 -4.78 -23.88 7.92
CA PRO A 170 -4.59 -24.87 6.88
C PRO A 170 -4.79 -24.21 5.53
N LYS A 171 -4.14 -24.73 4.50
CA LYS A 171 -4.35 -24.21 3.16
C LYS A 171 -5.84 -24.14 2.87
N SER A 172 -6.26 -23.07 2.24
CA SER A 172 -7.64 -22.92 1.85
C SER A 172 -7.69 -22.94 0.34
N HIS A 173 -8.89 -22.92 -0.22
CA HIS A 173 -9.05 -22.73 -1.65
CA HIS A 173 -9.06 -22.74 -1.64
C HIS A 173 -9.67 -21.40 -1.87
N TYR A 174 -8.83 -20.38 -1.81
CA TYR A 174 -9.28 -19.02 -1.96
C TYR A 174 -9.30 -18.65 -3.42
N GLU A 175 -10.41 -18.10 -3.86
CA GLU A 175 -10.52 -17.67 -5.23
C GLU A 175 -11.22 -16.34 -5.28
N SER A 176 -10.47 -15.32 -5.66
CA SER A 176 -11.03 -14.00 -5.86
C SER A 176 -12.15 -14.10 -6.89
N SER A 177 -13.35 -13.69 -6.49
CA SER A 177 -14.51 -13.75 -7.35
C SER A 177 -14.60 -12.47 -8.17
N GLU A 178 -13.99 -11.41 -7.66
CA GLU A 178 -13.96 -10.12 -8.32
C GLU A 178 -12.68 -9.41 -7.96
N SER A 179 -12.24 -8.54 -8.84
CA SER A 179 -11.10 -7.71 -8.53
C SER A 179 -11.33 -6.32 -9.08
N PHE A 180 -10.56 -5.37 -8.60
CA PHE A 180 -10.84 -3.98 -8.87
C PHE A 180 -9.64 -3.25 -9.46
N GLN A 181 -8.76 -3.99 -10.13
CA GLN A 181 -7.58 -3.40 -10.76
C GLN A 181 -7.99 -2.26 -11.67
N ASP A 182 -9.05 -2.49 -12.45
CA ASP A 182 -9.58 -1.47 -13.35
C ASP A 182 -9.95 -0.17 -12.65
N LYS A 183 -10.47 -0.28 -11.43
CA LYS A 183 -10.87 0.90 -10.67
C LYS A 183 -9.74 1.44 -9.81
N GLU A 184 -8.69 0.65 -9.66
CA GLU A 184 -7.71 0.91 -8.61
C GLU A 184 -6.31 1.11 -9.11
N ILE A 185 -6.04 0.56 -10.28
CA ILE A 185 -4.70 0.54 -10.80
C ILE A 185 -4.68 1.26 -12.13
N VAL A 186 -3.86 2.29 -12.22
CA VAL A 186 -3.60 2.93 -13.49
C VAL A 186 -2.49 2.13 -14.12
N ASP A 187 -2.71 1.70 -15.34
CA ASP A 187 -1.69 1.01 -16.09
C ASP A 187 -0.82 2.04 -16.77
N TYR A 188 0.37 1.60 -17.18
CA TYR A 188 1.30 2.47 -17.83
C TYR A 188 0.69 3.15 -19.05
N GLU A 189 -0.03 2.36 -19.85
CA GLU A 189 -0.68 2.85 -21.07
C GLU A 189 -1.44 4.13 -20.76
N GLU A 190 -2.33 4.06 -19.77
CA GLU A 190 -3.10 5.21 -19.39
C GLU A 190 -2.22 6.32 -18.83
N MET A 191 -1.30 5.96 -17.94
CA MET A 191 -0.37 6.92 -17.38
C MET A 191 0.37 7.65 -18.48
N PHE A 192 0.94 6.87 -19.39
CA PHE A 192 1.68 7.44 -20.48
C PHE A 192 0.82 8.32 -21.36
N GLN A 193 -0.35 7.81 -21.74
CA GLN A 193 -1.29 8.60 -22.56
C GLN A 193 -1.64 9.89 -21.86
N LEU A 194 -1.96 9.80 -20.57
CA LEU A 194 -2.28 10.98 -19.79
C LEU A 194 -1.14 11.98 -19.81
N VAL A 195 0.08 11.47 -19.69
CA VAL A 195 1.25 12.33 -19.68
C VAL A 195 1.57 12.78 -21.10
N LYS A 196 1.56 11.85 -22.03
CA LYS A 196 1.79 12.16 -23.44
C LYS A 196 0.79 13.21 -23.91
N SER A 197 -0.47 13.06 -23.50
CA SER A 197 -1.50 14.01 -23.88
C SER A 197 -1.46 15.29 -23.04
N GLY A 198 -0.59 15.30 -22.03
CA GLY A 198 -0.44 16.46 -21.15
C GLY A 198 -1.69 16.68 -20.33
N GLU A 199 -2.44 15.61 -20.13
CA GLU A 199 -3.72 15.65 -19.47
C GLU A 199 -3.65 15.05 -18.07
N LEU A 200 -2.48 14.53 -17.69
CA LEU A 200 -2.34 13.90 -16.40
C LEU A 200 -2.76 14.84 -15.28
N ALA A 201 -2.08 15.98 -15.17
CA ALA A 201 -2.40 16.97 -14.15
C ALA A 201 -3.80 17.57 -14.36
N LYS A 202 -4.19 17.68 -15.63
CA LYS A 202 -5.51 18.22 -15.99
C LYS A 202 -6.63 17.32 -15.51
N LYS A 203 -6.51 16.03 -15.78
CA LYS A 203 -7.56 15.08 -15.47
C LYS A 203 -7.41 14.48 -14.07
N PHE A 204 -6.21 14.53 -13.52
CA PHE A 204 -5.94 13.86 -12.25
C PHE A 204 -5.10 14.66 -11.30
N ASN A 205 -5.35 14.43 -10.02
CA ASN A 205 -4.36 14.70 -9.02
C ASN A 205 -3.44 13.51 -9.12
N ALA A 206 -2.20 13.75 -9.51
CA ALA A 206 -1.30 12.64 -9.66
C ALA A 206 -0.20 12.85 -8.65
N PHE A 207 -0.18 11.99 -7.66
CA PHE A 207 0.77 12.13 -6.59
C PHE A 207 1.77 11.03 -6.61
N ASP A 208 2.99 11.43 -6.31
CA ASP A 208 4.06 10.50 -6.26
C ASP A 208 4.48 10.42 -4.80
N ALA A 209 4.43 9.21 -4.26
CA ALA A 209 4.69 9.00 -2.84
C ALA A 209 6.16 8.97 -2.51
N ARG A 210 7.02 9.03 -3.53
CA ARG A 210 8.45 9.04 -3.30
C ARG A 210 8.84 10.32 -2.60
N SER A 211 10.04 10.32 -2.05
CA SER A 211 10.58 11.52 -1.44
C SER A 211 10.53 12.64 -2.47
N LEU A 212 10.40 13.86 -1.96
CA LEU A 212 10.43 15.04 -2.79
C LEU A 212 11.72 15.04 -3.62
N GLY A 213 12.83 14.65 -2.99
CA GLY A 213 14.12 14.60 -3.65
C GLY A 213 14.10 13.72 -4.88
N ARG A 214 13.55 12.52 -4.71
CA ARG A 214 13.39 11.60 -5.83
C ARG A 214 12.45 12.17 -6.87
N PHE A 215 11.33 12.72 -6.41
CA PHE A 215 10.39 13.36 -7.30
C PHE A 215 11.09 14.45 -8.10
N GLU A 216 11.86 15.28 -7.41
CA GLU A 216 12.52 16.41 -8.05
C GLU A 216 13.71 15.99 -8.90
N GLY A 217 14.14 14.75 -8.74
CA GLY A 217 15.32 14.26 -9.43
C GLY A 217 16.60 14.69 -8.76
N THR A 218 16.47 15.32 -7.59
CA THR A 218 17.63 15.80 -6.85
C THR A 218 18.23 14.67 -6.02
N GLU A 219 17.44 13.62 -5.82
CA GLU A 219 17.89 12.47 -5.04
C GLU A 219 17.66 11.18 -5.82
N PRO A 220 18.61 10.24 -5.72
CA PRO A 220 18.54 9.05 -6.57
C PRO A 220 17.35 8.15 -6.25
N GLU A 221 16.93 7.37 -7.24
CA GLU A 221 16.03 6.27 -7.01
C GLU A 221 16.79 5.20 -6.24
N PRO A 222 16.08 4.44 -5.38
CA PRO A 222 16.74 3.32 -4.71
C PRO A 222 17.20 2.29 -5.74
N ARG A 223 16.73 2.44 -6.98
CA ARG A 223 17.12 1.57 -8.07
C ARG A 223 18.29 2.14 -8.87
N SER A 224 19.17 1.25 -9.33
CA SER A 224 20.39 1.64 -10.03
C SER A 224 20.14 1.95 -11.51
N ASP A 225 19.10 1.34 -12.07
CA ASP A 225 18.80 1.46 -13.49
C ASP A 225 17.88 2.65 -13.77
N ILE A 226 17.38 3.26 -12.71
CA ILE A 226 16.32 4.26 -12.78
C ILE A 226 16.81 5.60 -12.29
N PRO A 227 16.79 6.62 -13.16
CA PRO A 227 17.00 7.96 -12.65
C PRO A 227 15.77 8.38 -11.86
N SER A 228 15.96 9.34 -10.97
CA SER A 228 14.83 9.90 -10.25
C SER A 228 14.17 10.97 -11.12
N GLY A 229 13.38 11.82 -10.50
CA GLY A 229 12.57 12.75 -11.24
C GLY A 229 11.16 12.25 -11.14
N HIS A 230 10.27 12.80 -11.95
CA HIS A 230 8.89 12.42 -11.81
C HIS A 230 8.18 12.38 -13.10
N ILE A 231 6.99 11.82 -13.04
CA ILE A 231 6.14 11.74 -14.20
C ILE A 231 5.57 13.14 -14.36
N PRO A 232 5.74 13.72 -15.54
CA PRO A 232 5.16 15.03 -15.77
C PRO A 232 3.69 15.01 -15.43
N GLY A 233 3.24 16.00 -14.66
CA GLY A 233 1.86 16.09 -14.28
C GLY A 233 1.61 15.54 -12.89
N THR A 234 2.59 14.82 -12.36
CA THR A 234 2.48 14.33 -10.99
C THR A 234 2.98 15.38 -10.03
N GLN A 235 2.70 15.16 -8.77
CA GLN A 235 3.09 16.07 -7.73
C GLN A 235 3.69 15.25 -6.63
N PRO A 236 4.65 15.83 -5.90
CA PRO A 236 5.23 15.05 -4.83
C PRO A 236 4.29 15.00 -3.65
N LEU A 237 3.97 13.79 -3.23
CA LEU A 237 3.27 13.61 -1.98
C LEU A 237 4.00 12.48 -1.27
N PRO A 238 5.19 12.78 -0.74
CA PRO A 238 5.97 11.74 -0.07
C PRO A 238 5.10 11.11 0.99
N TYR A 239 4.99 9.80 0.94
CA TYR A 239 4.02 9.08 1.77
C TYR A 239 4.13 9.43 3.24
N GLY A 240 5.37 9.64 3.70
CA GLY A 240 5.65 9.98 5.09
C GLY A 240 4.93 11.24 5.52
N SER A 241 4.66 12.13 4.58
CA SER A 241 3.95 13.37 4.85
C SER A 241 2.51 13.08 5.27
N LEU A 242 2.01 11.89 4.94
CA LEU A 242 0.62 11.56 5.20
C LEU A 242 0.48 10.63 6.38
N LEU A 243 1.61 10.30 6.99
CA LEU A 243 1.61 9.45 8.16
C LEU A 243 2.11 10.25 9.33
N ASP A 244 1.62 9.94 10.53
CA ASP A 244 2.20 10.54 11.70
C ASP A 244 3.70 10.25 11.70
N PRO A 245 4.53 11.29 11.91
CA PRO A 245 5.98 11.19 11.78
C PRO A 245 6.62 10.09 12.62
N GLU A 246 6.13 9.88 13.83
CA GLU A 246 6.75 8.90 14.71
C GLU A 246 6.07 7.53 14.65
N THR A 247 4.74 7.52 14.69
CA THR A 247 3.97 6.28 14.78
C THR A 247 3.65 5.71 13.42
N LYS A 248 3.80 6.53 12.39
CA LYS A 248 3.49 6.14 11.01
C LYS A 248 2.02 5.74 10.84
N THR A 249 1.18 6.13 11.79
CA THR A 249 -0.23 5.90 11.63
C THR A 249 -0.74 6.88 10.60
N TYR A 250 -1.76 6.44 9.88
CA TYR A 250 -2.57 7.37 9.17
C TYR A 250 -3.27 8.18 10.22
N PRO A 251 -3.30 9.50 10.03
CA PRO A 251 -4.12 10.33 10.89
C PRO A 251 -5.55 9.84 10.81
N GLU A 252 -6.35 10.16 11.82
CA GLU A 252 -7.73 9.76 11.84
C GLU A 252 -8.46 10.37 10.65
N ALA A 253 -9.43 9.64 10.13
CA ALA A 253 -10.31 10.16 9.10
C ALA A 253 -10.89 11.48 9.60
N GLY A 254 -11.19 12.37 8.66
CA GLY A 254 -11.75 13.66 9.02
C GLY A 254 -10.67 14.69 9.22
N GLU A 255 -10.84 15.52 10.24
CA GLU A 255 -9.98 16.67 10.43
C GLU A 255 -8.49 16.29 10.45
N ALA A 256 -8.16 15.21 11.15
CA ALA A 256 -6.76 14.82 11.31
C ALA A 256 -6.10 14.57 9.96
N ILE A 257 -6.66 13.63 9.20
CA ILE A 257 -6.12 13.31 7.87
C ILE A 257 -6.19 14.54 6.96
N HIS A 258 -7.25 15.33 7.08
CA HIS A 258 -7.36 16.54 6.29
C HIS A 258 -6.27 17.50 6.63
N ALA A 259 -6.04 17.69 7.93
CA ALA A 259 -4.97 18.57 8.39
C ALA A 259 -3.64 18.04 7.87
N THR A 260 -3.44 16.74 8.02
CA THR A 260 -2.23 16.12 7.51
C THR A 260 -2.13 16.27 6.00
N LEU A 261 -3.21 15.93 5.29
CA LEU A 261 -3.23 16.02 3.85
C LEU A 261 -2.99 17.46 3.39
N GLU A 262 -3.78 18.41 3.89
CA GLU A 262 -3.61 19.80 3.48
C GLU A 262 -2.22 20.31 3.81
N LYS A 263 -1.66 19.86 4.94
CA LYS A 263 -0.30 20.24 5.33
C LYS A 263 0.70 19.66 4.33
N ALA A 264 0.51 18.39 3.98
CA ALA A 264 1.35 17.75 2.98
C ALA A 264 1.23 18.49 1.66
N LEU A 265 0.00 18.79 1.26
CA LEU A 265 -0.23 19.54 0.02
C LEU A 265 0.41 20.92 0.09
N LYS A 266 0.33 21.56 1.26
CA LYS A 266 0.96 22.86 1.46
C LYS A 266 2.49 22.72 1.42
N ASP A 267 3.01 21.82 2.24
CA ASP A 267 4.45 21.60 2.37
C ASP A 267 5.11 21.30 1.03
N PHE A 268 4.45 20.46 0.24
CA PHE A 268 5.01 20.04 -1.03
C PHE A 268 4.43 20.81 -2.19
N HIS A 269 3.78 21.92 -1.87
CA HIS A 269 3.17 22.81 -2.87
C HIS A 269 2.42 22.01 -3.88
N CYS A 270 1.46 21.24 -3.37
CA CYS A 270 0.66 20.36 -4.18
C CYS A 270 -0.77 20.81 -4.20
N THR A 271 -1.43 20.46 -5.28
CA THR A 271 -2.84 20.69 -5.41
C THR A 271 -3.52 19.33 -5.37
N LEU A 272 -4.60 19.26 -4.63
CA LEU A 272 -5.48 18.14 -4.75
C LEU A 272 -6.83 18.71 -5.11
N ASP A 273 -7.16 18.59 -6.39
CA ASP A 273 -8.41 19.08 -6.90
C ASP A 273 -9.47 18.06 -6.57
N PRO A 274 -10.47 18.44 -5.75
CA PRO A 274 -11.53 17.52 -5.37
C PRO A 274 -12.38 17.06 -6.56
N SER A 275 -12.30 17.78 -7.67
CA SER A 275 -13.06 17.44 -8.87
C SER A 275 -12.32 16.45 -9.77
N LYS A 276 -11.02 16.27 -9.51
CA LYS A 276 -10.22 15.36 -10.30
C LYS A 276 -10.06 14.02 -9.59
N PRO A 277 -10.11 12.92 -10.36
CA PRO A 277 -9.71 11.66 -9.76
C PRO A 277 -8.23 11.74 -9.43
N THR A 278 -7.72 10.77 -8.71
CA THR A 278 -6.37 10.85 -8.25
C THR A 278 -5.60 9.63 -8.66
N ILE A 279 -4.36 9.85 -9.02
CA ILE A 279 -3.46 8.76 -9.28
C ILE A 279 -2.34 8.90 -8.30
N CYS A 280 -2.07 7.79 -7.62
CA CYS A 280 -0.91 7.72 -6.78
C CYS A 280 0.08 6.80 -7.42
N SER A 281 1.33 7.20 -7.31
CA SER A 281 2.42 6.41 -7.78
C SER A 281 3.51 6.61 -6.75
N CYS A 282 4.57 5.85 -6.90
CA CYS A 282 5.78 6.12 -6.15
C CYS A 282 6.86 5.52 -7.01
N GLY A 283 7.82 4.87 -6.38
CA GLY A 283 8.91 4.25 -7.11
C GLY A 283 8.45 2.93 -7.67
N THR A 284 7.68 2.21 -6.86
CA THR A 284 7.40 0.81 -7.11
C THR A 284 5.93 0.44 -6.94
N GLY A 285 5.13 1.38 -6.44
CA GLY A 285 3.71 1.15 -6.23
C GLY A 285 3.35 0.78 -4.80
N VAL A 286 4.34 0.53 -3.95
CA VAL A 286 4.08 0.18 -2.55
CA VAL A 286 4.07 0.18 -2.55
C VAL A 286 3.72 1.42 -1.72
N SER A 287 4.62 2.40 -1.69
CA SER A 287 4.38 3.61 -0.93
C SER A 287 3.30 4.46 -1.58
N GLY A 288 3.09 4.25 -2.87
CA GLY A 288 1.98 4.91 -3.57
C GLY A 288 0.66 4.57 -2.91
N VAL A 289 0.52 3.33 -2.43
CA VAL A 289 -0.70 2.93 -1.78
C VAL A 289 -0.82 3.58 -0.41
N ILE A 290 0.33 3.87 0.20
CA ILE A 290 0.33 4.56 1.47
C ILE A 290 -0.42 5.88 1.29
N ILE A 291 -0.03 6.65 0.27
CA ILE A 291 -0.66 7.93 0.07
C ILE A 291 -2.04 7.77 -0.51
N LYS A 292 -2.19 6.79 -1.39
CA LYS A 292 -3.49 6.49 -1.95
C LYS A 292 -4.48 6.27 -0.81
N THR A 293 -4.05 5.47 0.16
CA THR A 293 -4.86 5.14 1.30
C THR A 293 -5.14 6.37 2.15
N ALA A 294 -4.12 7.19 2.35
CA ALA A 294 -4.26 8.44 3.07
C ALA A 294 -5.27 9.35 2.36
N LEU A 295 -5.17 9.40 1.04
CA LEU A 295 -6.09 10.21 0.24
C LEU A 295 -7.52 9.71 0.37
N GLU A 296 -7.69 8.40 0.21
CA GLU A 296 -9.00 7.81 0.37
C GLU A 296 -9.51 7.99 1.79
N LEU A 297 -8.59 7.89 2.74
CA LEU A 297 -8.90 8.18 4.12
C LEU A 297 -9.41 9.61 4.26
N ALA A 298 -8.75 10.52 3.55
CA ALA A 298 -9.12 11.93 3.52
C ALA A 298 -10.40 12.15 2.70
N GLY A 299 -10.95 11.07 2.16
CA GLY A 299 -12.17 11.14 1.39
C GLY A 299 -11.91 11.58 -0.04
N VAL A 300 -10.64 11.57 -0.45
CA VAL A 300 -10.32 11.84 -1.84
C VAL A 300 -10.86 10.66 -2.65
N PRO A 301 -11.77 10.94 -3.59
CA PRO A 301 -12.38 9.85 -4.33
C PRO A 301 -11.53 9.42 -5.51
N ASN A 302 -11.83 8.22 -6.02
CA ASN A 302 -11.28 7.75 -7.28
C ASN A 302 -9.79 7.93 -7.31
N VAL A 303 -9.16 7.40 -6.27
CA VAL A 303 -7.73 7.39 -6.20
C VAL A 303 -7.34 6.05 -6.76
N ARG A 304 -6.47 6.09 -7.75
CA ARG A 304 -5.93 4.87 -8.27
C ARG A 304 -4.45 4.87 -8.05
N LEU A 305 -3.88 3.69 -8.07
CA LEU A 305 -2.47 3.55 -7.95
C LEU A 305 -1.92 3.27 -9.32
N TYR A 306 -0.99 4.12 -9.73
CA TYR A 306 -0.17 3.78 -10.86
C TYR A 306 0.81 2.76 -10.32
N ASP A 307 0.48 1.49 -10.52
CA ASP A 307 1.22 0.43 -9.89
C ASP A 307 2.64 0.39 -10.44
N GLY A 308 2.76 0.44 -11.76
CA GLY A 308 4.07 0.43 -12.41
C GLY A 308 4.94 1.47 -11.76
N SER A 309 4.32 2.60 -11.43
CA SER A 309 4.98 3.67 -10.72
C SER A 309 6.23 4.14 -11.45
N TRP A 310 7.07 4.86 -10.73
CA TRP A 310 8.20 5.53 -11.31
C TRP A 310 9.11 4.60 -12.05
N THR A 311 9.36 3.44 -11.45
CA THR A 311 10.24 2.46 -12.04
C THR A 311 9.78 2.05 -13.42
N GLU A 312 8.54 1.58 -13.50
CA GLU A 312 7.99 1.21 -14.78
C GLU A 312 7.95 2.42 -15.68
N TRP A 313 7.56 3.56 -15.11
CA TRP A 313 7.47 4.78 -15.87
C TRP A 313 8.74 5.04 -16.61
N VAL A 314 9.84 5.09 -15.86
CA VAL A 314 11.17 5.35 -16.42
C VAL A 314 11.54 4.29 -17.45
N LEU A 315 11.42 3.03 -17.04
CA LEU A 315 11.83 1.91 -17.88
C LEU A 315 11.06 1.86 -19.18
N LYS A 316 9.77 2.20 -19.14
CA LYS A 316 8.95 2.16 -20.34
C LYS A 316 9.00 3.45 -21.14
N SER A 317 9.20 4.58 -20.46
CA SER A 317 9.09 5.89 -21.09
C SER A 317 10.42 6.47 -21.52
N GLY A 318 11.47 6.11 -20.79
CA GLY A 318 12.78 6.67 -21.04
C GLY A 318 12.91 8.05 -20.44
N PRO A 319 14.12 8.63 -20.53
CA PRO A 319 14.52 9.89 -19.89
C PRO A 319 13.73 11.11 -20.38
N GLU A 320 13.11 10.99 -21.55
CA GLU A 320 12.35 12.10 -22.12
C GLU A 320 11.14 12.40 -21.24
N TRP A 321 10.61 11.36 -20.61
CA TRP A 321 9.40 11.47 -19.84
C TRP A 321 9.67 11.56 -18.37
N ILE A 322 10.87 12.05 -18.07
CA ILE A 322 11.27 12.27 -16.71
C ILE A 322 11.32 13.77 -16.50
N ALA A 323 10.40 14.25 -15.66
CA ALA A 323 10.42 15.64 -15.27
C ALA A 323 11.26 15.77 -14.02
N GLU A 324 12.01 16.87 -13.93
CA GLU A 324 12.81 17.16 -12.76
C GLU A 324 12.15 18.27 -11.97
N ASN A 325 12.68 18.52 -10.78
CA ASN A 325 12.21 19.58 -9.90
C ASN A 325 10.69 19.52 -9.78
N ARG A 326 10.01 20.58 -10.21
CA ARG A 326 8.54 20.62 -10.13
C ARG A 326 7.89 20.77 -11.49
N ASP A 327 8.59 20.36 -12.54
CA ASP A 327 8.15 20.54 -13.92
C ASP A 327 7.02 19.58 -14.31
#